data_2Z5H
#
_entry.id   2Z5H
#
_cell.length_a   86.809
_cell.length_b   158.308
_cell.length_c   163.570
_cell.angle_alpha   90.00
_cell.angle_beta   90.00
_cell.angle_gamma   90.00
#
_symmetry.space_group_name_H-M   'I 21 21 21'
#
loop_
_entity.id
_entity.type
_entity.pdbx_description
1 polymer 'General control protein GCN4 and Tropomyosin alpha-1 chain'
2 polymer 'Tropomyosin alpha-1 chain and General control protein GCN4'
3 polymer 'Troponin T, fast skeletal muscle isoforms'
4 water water
#
loop_
_entity_poly.entity_id
_entity_poly.type
_entity_poly.pdbx_seq_one_letter_code
_entity_poly.pdbx_strand_id
1 'polypeptide(L)' GELLSKNYHLENEVARLKKLVDDLEDELYAQKLKYKAISEELDHALNDMTSI A,B,C,D,E,F,G,H
2 'polypeptide(L)' GAASMDAIKKKMQMLKLDKENALDRAEQLENEVARLKKLV I
3 'polypeptide(L)' GEKVDFDDIQKKRQNKDLIELQALIDSHFEARRKEEEELVALKERIEKRRAERAE T
#
# COMPACT_ATOMS: atom_id res chain seq x y z
N GLY A 1 35.45 0.88 28.65
CA GLY A 1 34.81 2.20 28.89
C GLY A 1 33.64 2.43 27.95
N GLU A 2 33.39 3.71 27.65
CA GLU A 2 32.17 4.06 26.95
C GLU A 2 32.31 3.75 25.48
N LEU A 3 33.49 3.97 24.93
CA LEU A 3 33.77 3.63 23.55
C LEU A 3 33.76 2.10 23.35
N LEU A 4 34.38 1.32 24.23
CA LEU A 4 34.21 -0.12 24.11
C LEU A 4 32.74 -0.54 24.12
N SER A 5 31.96 -0.02 25.07
CA SER A 5 30.59 -0.52 25.21
C SER A 5 29.80 -0.15 23.98
N LYS A 6 30.01 1.06 23.51
CA LYS A 6 29.31 1.45 22.33
C LYS A 6 29.66 0.51 21.18
N ASN A 7 30.95 0.29 20.96
CA ASN A 7 31.30 -0.54 19.85
C ASN A 7 30.59 -1.89 20.01
N TYR A 8 30.44 -2.33 21.26
CA TYR A 8 29.85 -3.64 21.44
C TYR A 8 28.40 -3.57 20.95
N HIS A 9 27.68 -2.51 21.32
CA HIS A 9 26.28 -2.44 20.97
C HIS A 9 26.11 -2.25 19.45
N LEU A 10 27.00 -1.47 18.86
CA LEU A 10 26.91 -1.23 17.43
C LEU A 10 27.22 -2.52 16.68
N GLU A 11 28.22 -3.27 17.13
CA GLU A 11 28.49 -4.49 16.41
C GLU A 11 27.18 -5.28 16.39
N ASN A 12 26.44 -5.22 17.48
CA ASN A 12 25.22 -6.00 17.55
C ASN A 12 24.18 -5.46 16.57
N GLU A 13 23.85 -4.17 16.63
CA GLU A 13 22.96 -3.58 15.66
C GLU A 13 23.30 -4.04 14.24
N VAL A 14 24.54 -3.83 13.81
CA VAL A 14 24.87 -4.31 12.49
C VAL A 14 24.36 -5.73 12.25
N ALA A 15 24.67 -6.66 13.15
CA ALA A 15 24.30 -8.04 12.89
C ALA A 15 22.79 -8.09 12.75
N ARG A 16 22.09 -7.48 13.69
CA ARG A 16 20.63 -7.40 13.59
C ARG A 16 20.20 -6.82 12.24
N LEU A 17 20.80 -5.72 11.82
CA LEU A 17 20.28 -5.08 10.62
C LEU A 17 20.58 -5.93 9.41
N LYS A 18 21.78 -6.48 9.30
CA LYS A 18 22.09 -7.32 8.15
C LYS A 18 21.04 -8.41 8.03
N LYS A 19 20.78 -9.12 9.14
CA LYS A 19 19.76 -10.15 9.14
C LYS A 19 18.42 -9.56 8.72
N LEU A 20 18.05 -8.38 9.21
CA LEU A 20 16.78 -7.79 8.82
C LEU A 20 16.64 -7.50 7.33
N VAL A 21 17.75 -7.15 6.69
CA VAL A 21 17.74 -6.83 5.29
C VAL A 21 17.41 -8.07 4.51
N ASP A 22 18.08 -9.18 4.80
CA ASP A 22 17.85 -10.40 4.03
C ASP A 22 16.43 -10.88 4.23
N ASP A 23 15.89 -10.69 5.43
CA ASP A 23 14.53 -11.11 5.67
C ASP A 23 13.53 -10.23 4.92
N LEU A 24 13.74 -8.91 4.91
CA LEU A 24 12.81 -8.04 4.19
C LEU A 24 12.91 -8.27 2.69
N GLU A 25 14.07 -8.68 2.20
CA GLU A 25 14.16 -8.94 0.77
C GLU A 25 13.42 -10.20 0.39
N ASP A 26 13.56 -11.26 1.18
CA ASP A 26 12.77 -12.45 0.94
C ASP A 26 11.30 -12.10 1.00
N GLU A 27 10.90 -11.29 1.96
CA GLU A 27 9.50 -10.95 2.11
C GLU A 27 8.97 -10.16 0.90
N LEU A 28 9.81 -9.28 0.36
CA LEU A 28 9.43 -8.47 -0.81
C LEU A 28 9.15 -9.45 -1.93
N TYR A 29 10.08 -10.39 -2.10
CA TYR A 29 10.00 -11.38 -3.16
C TYR A 29 8.69 -12.15 -3.03
N ALA A 30 8.41 -12.63 -1.82
CA ALA A 30 7.14 -13.30 -1.63
C ALA A 30 5.96 -12.36 -1.97
N GLN A 31 6.02 -11.10 -1.58
CA GLN A 31 4.93 -10.23 -1.98
C GLN A 31 4.83 -10.02 -3.48
N LYS A 32 5.96 -9.99 -4.18
CA LYS A 32 5.85 -9.66 -5.59
C LYS A 32 5.21 -10.84 -6.30
N LEU A 33 5.51 -12.04 -5.82
CA LEU A 33 4.88 -13.23 -6.37
C LEU A 33 3.40 -13.15 -6.08
N LYS A 34 3.03 -12.78 -4.86
CA LYS A 34 1.59 -12.69 -4.59
C LYS A 34 0.93 -11.71 -5.58
N TYR A 35 1.63 -10.63 -5.92
CA TYR A 35 1.05 -9.62 -6.77
C TYR A 35 0.89 -10.19 -8.18
N LYS A 36 1.93 -10.85 -8.67
CA LYS A 36 1.91 -11.42 -10.01
C LYS A 36 0.78 -12.42 -10.15
N ALA A 37 0.64 -13.29 -9.16
CA ALA A 37 -0.44 -14.25 -9.23
C ALA A 37 -1.71 -13.48 -9.55
N ILE A 38 -2.02 -12.49 -8.73
CA ILE A 38 -3.33 -11.86 -8.79
C ILE A 38 -3.42 -10.92 -9.96
N SER A 39 -2.28 -10.37 -10.38
CA SER A 39 -2.31 -9.49 -11.52
C SER A 39 -2.73 -10.29 -12.75
N GLU A 40 -2.41 -11.57 -12.77
CA GLU A 40 -2.80 -12.45 -13.87
C GLU A 40 -4.30 -12.73 -13.72
N GLU A 41 -4.74 -13.08 -12.51
CA GLU A 41 -6.15 -13.32 -12.27
C GLU A 41 -7.00 -12.18 -12.81
N LEU A 42 -6.50 -10.95 -12.70
CA LEU A 42 -7.30 -9.82 -13.11
C LEU A 42 -7.40 -9.75 -14.62
N ASP A 43 -6.32 -10.06 -15.32
CA ASP A 43 -6.40 -10.02 -16.76
C ASP A 43 -7.37 -11.05 -17.30
N HIS A 44 -7.51 -12.17 -16.62
CA HIS A 44 -8.54 -13.13 -17.03
C HIS A 44 -9.94 -12.56 -16.83
N ALA A 45 -10.27 -12.18 -15.61
CA ALA A 45 -11.57 -11.58 -15.39
C ALA A 45 -11.81 -10.40 -16.33
N LEU A 46 -10.73 -9.71 -16.69
CA LEU A 46 -10.81 -8.47 -17.45
C LEU A 46 -11.15 -8.70 -18.91
N ASN A 47 -11.14 -9.95 -19.34
CA ASN A 47 -11.52 -10.21 -20.71
C ASN A 47 -12.98 -10.62 -20.88
N ASP A 48 -13.56 -11.28 -19.86
CA ASP A 48 -14.98 -11.62 -19.85
C ASP A 48 -15.83 -10.34 -19.90
N MET A 49 -15.25 -9.33 -20.56
CA MET A 49 -15.77 -7.97 -20.65
C MET A 49 -15.47 -7.37 -22.04
N GLY B 1 42.62 6.83 17.94
CA GLY B 1 43.39 5.79 17.20
C GLY B 1 42.44 4.67 16.81
N GLU B 2 42.98 3.46 16.72
CA GLU B 2 42.23 2.33 16.18
C GLU B 2 40.80 2.24 16.77
N LEU B 3 40.59 2.60 18.04
CA LEU B 3 39.26 2.46 18.62
C LEU B 3 38.33 3.56 18.15
N LEU B 4 38.77 4.82 18.25
CA LEU B 4 37.97 5.93 17.75
C LEU B 4 37.49 5.65 16.33
N SER B 5 38.43 5.29 15.47
CA SER B 5 38.14 5.12 14.07
C SER B 5 37.16 3.96 13.92
N LYS B 6 37.37 2.85 14.62
CA LYS B 6 36.49 1.72 14.43
C LYS B 6 35.09 2.16 14.85
N ASN B 7 35.01 2.95 15.92
CA ASN B 7 33.71 3.43 16.35
C ASN B 7 33.02 4.25 15.26
N TYR B 8 33.80 4.99 14.49
CA TYR B 8 33.26 5.77 13.39
C TYR B 8 32.77 4.80 12.30
N HIS B 9 33.67 3.91 11.86
CA HIS B 9 33.29 2.88 10.90
C HIS B 9 31.97 2.22 11.31
N LEU B 10 31.81 1.86 12.58
CA LEU B 10 30.60 1.15 12.95
C LEU B 10 29.42 2.10 12.84
N GLU B 11 29.64 3.35 13.24
CA GLU B 11 28.49 4.24 13.15
C GLU B 11 27.97 4.45 11.73
N ASN B 12 28.85 4.50 10.76
CA ASN B 12 28.39 4.63 9.40
C ASN B 12 27.70 3.36 8.92
N GLU B 13 28.32 2.23 9.21
CA GLU B 13 27.74 0.95 8.80
C GLU B 13 26.35 0.80 9.39
N VAL B 14 26.13 1.16 10.65
CA VAL B 14 24.73 1.20 11.04
C VAL B 14 23.82 2.20 10.29
N ALA B 15 24.30 3.38 9.95
CA ALA B 15 23.43 4.33 9.25
C ALA B 15 23.08 3.71 7.91
N ARG B 16 24.10 3.18 7.25
CA ARG B 16 23.94 2.64 5.92
C ARG B 16 22.89 1.54 5.99
N LEU B 17 23.05 0.60 6.89
CA LEU B 17 22.06 -0.45 7.02
C LEU B 17 20.66 0.07 7.42
N LYS B 18 20.54 1.07 8.27
CA LYS B 18 19.21 1.60 8.52
C LYS B 18 18.51 2.09 7.26
N LYS B 19 19.28 2.61 6.30
CA LYS B 19 18.65 3.14 5.11
C LYS B 19 18.20 2.00 4.21
N LEU B 20 19.02 0.96 4.06
CA LEU B 20 18.57 -0.21 3.31
C LEU B 20 17.26 -0.72 3.91
N VAL B 21 17.20 -0.81 5.23
CA VAL B 21 15.99 -1.30 5.88
C VAL B 21 14.82 -0.36 5.62
N ASP B 22 15.07 0.94 5.74
CA ASP B 22 14.00 1.90 5.63
C ASP B 22 13.42 1.80 4.21
N ASP B 23 14.31 1.71 3.24
CA ASP B 23 13.90 1.63 1.85
C ASP B 23 13.05 0.39 1.66
N LEU B 24 13.55 -0.74 2.13
CA LEU B 24 12.78 -1.97 2.03
C LEU B 24 11.44 -1.88 2.76
N GLU B 25 11.42 -1.16 3.87
CA GLU B 25 10.13 -1.08 4.53
C GLU B 25 9.16 -0.30 3.66
N ASP B 26 9.68 0.70 2.96
CA ASP B 26 8.82 1.48 2.12
C ASP B 26 8.40 0.71 0.88
N GLU B 27 9.32 -0.04 0.28
CA GLU B 27 8.96 -0.90 -0.86
C GLU B 27 7.82 -1.83 -0.44
N LEU B 28 7.91 -2.40 0.76
CA LEU B 28 6.91 -3.36 1.19
C LEU B 28 5.56 -2.71 1.35
N TYR B 29 5.53 -1.51 1.93
CA TYR B 29 4.27 -0.82 2.21
C TYR B 29 3.61 -0.41 0.88
N ALA B 30 4.44 -0.02 -0.07
CA ALA B 30 3.96 0.38 -1.36
C ALA B 30 3.27 -0.82 -1.98
N GLN B 31 4.03 -1.90 -2.03
CA GLN B 31 3.54 -3.17 -2.54
C GLN B 31 2.23 -3.56 -1.88
N LYS B 32 2.14 -3.34 -0.58
CA LYS B 32 0.88 -3.62 0.09
C LYS B 32 -0.27 -2.80 -0.49
N LEU B 33 -0.06 -1.53 -0.80
CA LEU B 33 -1.17 -0.76 -1.34
C LEU B 33 -1.56 -1.19 -2.76
N LYS B 34 -0.56 -1.46 -3.60
CA LYS B 34 -0.76 -1.94 -4.95
C LYS B 34 -1.58 -3.20 -4.82
N TYR B 35 -1.21 -4.06 -3.87
CA TYR B 35 -1.91 -5.31 -3.79
C TYR B 35 -3.36 -5.06 -3.39
N LYS B 36 -3.59 -4.19 -2.41
CA LYS B 36 -4.95 -3.95 -1.92
C LYS B 36 -5.77 -3.40 -3.07
N ALA B 37 -5.09 -2.64 -3.91
CA ALA B 37 -5.79 -1.88 -4.92
C ALA B 37 -6.27 -2.79 -6.04
N ILE B 38 -5.35 -3.58 -6.58
CA ILE B 38 -5.66 -4.46 -7.67
C ILE B 38 -6.59 -5.57 -7.20
N SER B 39 -6.55 -5.88 -5.91
CA SER B 39 -7.46 -6.90 -5.43
C SER B 39 -8.83 -6.24 -5.40
N GLU B 40 -8.88 -4.93 -5.19
CA GLU B 40 -10.18 -4.26 -5.24
C GLU B 40 -10.65 -4.28 -6.70
N GLU B 41 -9.75 -4.14 -7.69
CA GLU B 41 -10.17 -4.05 -9.09
C GLU B 41 -10.82 -5.36 -9.45
N LEU B 42 -10.07 -6.42 -9.22
CA LEU B 42 -10.56 -7.75 -9.41
C LEU B 42 -11.94 -7.98 -8.75
N ASP B 43 -12.21 -7.43 -7.57
CA ASP B 43 -13.54 -7.57 -6.98
C ASP B 43 -14.59 -7.03 -7.93
N HIS B 44 -14.30 -5.89 -8.52
CA HIS B 44 -15.24 -5.27 -9.42
C HIS B 44 -15.31 -6.06 -10.73
N ALA B 45 -14.19 -6.30 -11.40
CA ALA B 45 -14.20 -7.12 -12.61
C ALA B 45 -15.07 -8.38 -12.44
N LEU B 46 -14.98 -9.07 -11.32
CA LEU B 46 -15.77 -10.28 -11.17
C LEU B 46 -17.21 -10.05 -10.74
N ASN B 47 -17.50 -8.95 -10.07
CA ASN B 47 -18.81 -8.85 -9.48
C ASN B 47 -19.75 -7.81 -10.04
N ASP B 48 -19.21 -6.89 -10.84
CA ASP B 48 -20.05 -5.87 -11.45
C ASP B 48 -20.51 -6.40 -12.79
N MET B 49 -20.93 -7.66 -12.76
CA MET B 49 -21.67 -8.24 -13.89
C MET B 49 -22.94 -7.44 -14.15
N THR B 50 -23.24 -6.53 -13.23
CA THR B 50 -24.33 -5.56 -13.40
C THR B 50 -24.21 -4.89 -14.78
N SER B 51 -22.97 -4.91 -15.31
CA SER B 51 -22.67 -4.56 -16.70
C SER B 51 -22.48 -5.79 -17.60
N GLY C 1 -11.69 20.62 -29.25
CA GLY C 1 -10.33 21.18 -29.04
C GLY C 1 -9.63 20.65 -27.79
N GLU C 2 -8.84 19.59 -27.98
CA GLU C 2 -8.17 18.93 -26.87
C GLU C 2 -6.84 18.23 -27.18
N LEU C 3 -6.91 16.92 -27.42
CA LEU C 3 -5.82 16.02 -27.06
C LEU C 3 -4.50 16.24 -27.77
N LEU C 4 -4.51 16.33 -29.09
CA LEU C 4 -3.30 16.67 -29.79
C LEU C 4 -2.55 17.85 -29.18
N SER C 5 -3.28 18.88 -28.78
CA SER C 5 -2.61 20.07 -28.30
C SER C 5 -2.08 19.79 -26.92
N LYS C 6 -2.93 19.22 -26.07
CA LYS C 6 -2.52 18.90 -24.70
C LYS C 6 -1.26 18.06 -24.75
N ASN C 7 -1.28 17.00 -25.56
CA ASN C 7 -0.16 16.09 -25.69
C ASN C 7 1.11 16.80 -26.13
N TYR C 8 0.99 17.81 -26.99
CA TYR C 8 2.19 18.47 -27.49
C TYR C 8 2.84 19.17 -26.31
N HIS C 9 2.02 19.69 -25.40
CA HIS C 9 2.56 20.37 -24.22
C HIS C 9 3.13 19.39 -23.19
N LEU C 10 2.36 18.35 -22.91
CA LEU C 10 2.81 17.33 -21.96
C LEU C 10 4.14 16.76 -22.42
N GLU C 11 4.28 16.40 -23.69
CA GLU C 11 5.54 15.94 -24.26
C GLU C 11 6.70 16.89 -23.96
N ASN C 12 6.45 18.18 -24.13
CA ASN C 12 7.46 19.20 -23.86
C ASN C 12 7.84 19.27 -22.39
N GLU C 13 6.86 19.00 -21.53
CA GLU C 13 7.10 19.02 -20.09
C GLU C 13 7.91 17.80 -19.69
N VAL C 14 7.50 16.66 -20.20
CA VAL C 14 8.16 15.41 -19.86
C VAL C 14 9.64 15.54 -20.16
N ALA C 15 9.97 16.06 -21.35
CA ALA C 15 11.36 16.15 -21.72
C ALA C 15 12.14 17.09 -20.81
N ARG C 16 11.47 18.16 -20.38
CA ARG C 16 12.05 19.17 -19.50
C ARG C 16 12.34 18.52 -18.16
N LEU C 17 11.37 17.75 -17.66
CA LEU C 17 11.46 17.08 -16.35
C LEU C 17 12.57 16.04 -16.38
N LYS C 18 12.55 15.17 -17.38
CA LYS C 18 13.61 14.19 -17.55
C LYS C 18 15.02 14.78 -17.47
N LYS C 19 15.24 15.92 -18.10
CA LYS C 19 16.53 16.59 -18.06
C LYS C 19 16.83 17.13 -16.66
N LEU C 20 15.79 17.53 -15.94
CA LEU C 20 16.02 18.08 -14.61
C LEU C 20 16.32 16.93 -13.66
N VAL C 21 15.59 15.82 -13.79
CA VAL C 21 15.93 14.64 -13.01
C VAL C 21 17.38 14.21 -13.24
N ASP C 22 17.82 14.09 -14.49
CA ASP C 22 19.24 13.79 -14.76
C ASP C 22 20.17 14.80 -14.12
N ASP C 23 19.92 16.08 -14.31
CA ASP C 23 20.75 17.13 -13.70
C ASP C 23 20.84 17.02 -12.18
N LEU C 24 19.73 16.74 -11.54
CA LEU C 24 19.72 16.62 -10.11
C LEU C 24 20.48 15.36 -9.67
N GLU C 25 20.31 14.27 -10.42
CA GLU C 25 20.94 13.03 -10.02
C GLU C 25 22.45 13.10 -10.18
N ASP C 26 22.89 13.98 -11.07
CA ASP C 26 24.31 14.18 -11.28
C ASP C 26 24.81 15.05 -10.14
N GLU C 27 24.05 16.09 -9.79
CA GLU C 27 24.38 16.97 -8.68
C GLU C 27 24.54 16.18 -7.39
N LEU C 28 23.60 15.27 -7.12
CA LEU C 28 23.62 14.48 -5.92
C LEU C 28 24.87 13.63 -5.94
N TYR C 29 25.08 12.92 -7.04
CA TYR C 29 26.24 12.03 -7.09
C TYR C 29 27.53 12.80 -6.86
N ALA C 30 27.59 14.01 -7.39
CA ALA C 30 28.78 14.82 -7.24
C ALA C 30 28.98 15.16 -5.77
N GLN C 31 27.86 15.42 -5.11
CA GLN C 31 27.86 15.84 -3.71
C GLN C 31 28.22 14.63 -2.86
N LYS C 32 27.85 13.44 -3.28
CA LYS C 32 28.13 12.29 -2.45
C LYS C 32 29.62 11.96 -2.54
N LEU C 33 30.22 12.14 -3.70
CA LEU C 33 31.66 11.99 -3.79
C LEU C 33 32.34 13.00 -2.88
N LYS C 34 31.83 14.23 -2.88
CA LYS C 34 32.38 15.29 -2.08
C LYS C 34 32.37 14.84 -0.61
N TYR C 35 31.35 14.09 -0.23
CA TYR C 35 31.17 13.65 1.14
C TYR C 35 32.07 12.47 1.44
N LYS C 36 32.16 11.51 0.53
CA LYS C 36 33.06 10.39 0.76
C LYS C 36 34.48 10.83 1.13
N ALA C 37 35.00 11.81 0.39
CA ALA C 37 36.35 12.32 0.59
C ALA C 37 36.51 13.00 1.94
N ILE C 38 35.55 13.83 2.28
CA ILE C 38 35.64 14.59 3.51
C ILE C 38 35.45 13.65 4.70
N SER C 39 34.76 12.54 4.48
CA SER C 39 34.53 11.55 5.52
C SER C 39 35.78 10.73 5.72
N GLU C 40 36.50 10.48 4.63
CA GLU C 40 37.77 9.77 4.69
C GLU C 40 38.73 10.58 5.54
N GLU C 41 38.80 11.88 5.28
CA GLU C 41 39.65 12.75 6.07
C GLU C 41 39.37 12.68 7.57
N LEU C 42 38.09 12.79 7.94
CA LEU C 42 37.69 12.66 9.33
C LEU C 42 38.14 11.33 9.92
N ASP C 43 38.01 10.23 9.16
CA ASP C 43 38.43 8.92 9.66
C ASP C 43 39.92 8.87 9.94
N HIS C 44 40.71 9.51 9.09
CA HIS C 44 42.14 9.62 9.28
C HIS C 44 42.41 10.47 10.49
N ALA C 45 41.62 11.52 10.72
CA ALA C 45 41.93 12.34 11.88
C ALA C 45 41.56 11.62 13.18
N LEU C 46 40.52 10.79 13.17
CA LEU C 46 40.18 10.09 14.39
C LEU C 46 41.17 8.95 14.60
N ASN C 47 41.62 8.36 13.50
CA ASN C 47 42.54 7.25 13.62
C ASN C 47 43.92 7.75 14.04
N ASP C 48 44.23 9.02 13.78
CA ASP C 48 45.61 9.49 13.94
C ASP C 48 45.89 10.25 15.22
N MET C 49 44.86 10.57 15.99
CA MET C 49 45.09 11.29 17.23
C MET C 49 45.56 10.39 18.34
N THR C 50 46.65 10.80 19.00
CA THR C 50 47.35 10.02 20.01
C THR C 50 47.48 10.85 21.27
N SER C 51 48.69 10.89 21.83
CA SER C 51 48.96 11.57 23.09
C SER C 51 49.15 13.07 22.89
N ILE C 52 48.53 13.86 23.76
CA ILE C 52 48.74 15.31 23.81
C ILE C 52 49.97 15.67 24.65
N GLY D 1 -9.85 5.30 -26.66
CA GLY D 1 -9.08 5.93 -27.78
C GLY D 1 -7.59 5.69 -27.63
N GLU D 2 -6.92 5.58 -28.78
CA GLU D 2 -5.46 5.54 -28.81
C GLU D 2 -4.80 6.86 -28.42
N LEU D 3 -5.40 7.98 -28.78
CA LEU D 3 -4.95 9.31 -28.36
C LEU D 3 -5.26 9.62 -26.90
N LEU D 4 -6.30 9.00 -26.35
CA LEU D 4 -6.63 9.17 -24.94
C LEU D 4 -5.55 8.48 -24.09
N SER D 5 -5.14 7.26 -24.46
CA SER D 5 -4.17 6.53 -23.67
C SER D 5 -2.89 7.30 -23.64
N LYS D 6 -2.52 7.82 -24.81
CA LYS D 6 -1.29 8.58 -24.94
C LYS D 6 -1.37 9.77 -23.99
N ASN D 7 -2.54 10.39 -23.89
CA ASN D 7 -2.72 11.49 -22.96
C ASN D 7 -2.64 11.06 -21.49
N TYR D 8 -3.27 9.94 -21.16
CA TYR D 8 -3.15 9.29 -19.86
C TYR D 8 -1.71 9.00 -19.49
N HIS D 9 -0.92 8.39 -20.38
CA HIS D 9 0.43 8.03 -20.01
C HIS D 9 1.29 9.26 -19.79
N LEU D 10 1.09 10.27 -20.63
CA LEU D 10 1.85 11.49 -20.48
C LEU D 10 1.47 12.22 -19.18
N GLU D 11 0.18 12.31 -18.90
CA GLU D 11 -0.28 12.84 -17.64
C GLU D 11 0.38 12.14 -16.43
N ASN D 12 0.38 10.82 -16.45
CA ASN D 12 1.07 10.04 -15.42
C ASN D 12 2.59 10.24 -15.38
N GLU D 13 3.26 10.29 -16.53
CA GLU D 13 4.69 10.51 -16.55
C GLU D 13 5.05 11.84 -15.93
N VAL D 14 4.19 12.84 -16.14
CA VAL D 14 4.41 14.14 -15.50
C VAL D 14 4.24 14.04 -14.00
N ALA D 15 3.19 13.37 -13.54
CA ALA D 15 2.99 13.18 -12.10
C ALA D 15 4.17 12.44 -11.49
N ARG D 16 4.63 11.40 -12.18
CA ARG D 16 5.74 10.61 -11.68
C ARG D 16 6.98 11.49 -11.58
N LEU D 17 7.39 12.08 -12.69
CA LEU D 17 8.60 12.88 -12.69
C LEU D 17 8.57 14.07 -11.75
N LYS D 18 7.39 14.62 -11.49
CA LYS D 18 7.35 15.70 -10.51
C LYS D 18 7.76 15.23 -9.12
N LYS D 19 7.12 14.16 -8.64
CA LYS D 19 7.44 13.60 -7.35
C LYS D 19 8.94 13.28 -7.24
N LEU D 20 9.47 12.70 -8.32
CA LEU D 20 10.90 12.42 -8.39
C LEU D 20 11.73 13.66 -8.17
N VAL D 21 11.37 14.77 -8.80
CA VAL D 21 12.07 16.03 -8.58
C VAL D 21 12.01 16.48 -7.12
N ASP D 22 10.84 16.47 -6.52
CA ASP D 22 10.77 16.91 -5.14
C ASP D 22 11.67 16.05 -4.25
N ASP D 23 11.70 14.75 -4.55
CA ASP D 23 12.47 13.84 -3.75
C ASP D 23 13.96 14.16 -3.92
N LEU D 24 14.40 14.37 -5.16
CA LEU D 24 15.80 14.66 -5.39
C LEU D 24 16.18 15.97 -4.73
N GLU D 25 15.22 16.87 -4.64
CA GLU D 25 15.53 18.19 -4.14
C GLU D 25 15.66 18.07 -2.65
N ASP D 26 14.88 17.16 -2.08
CA ASP D 26 14.91 16.89 -0.66
C ASP D 26 16.20 16.20 -0.25
N GLU D 27 16.58 15.14 -0.97
CA GLU D 27 17.85 14.49 -0.72
C GLU D 27 18.99 15.49 -0.77
N LEU D 28 18.95 16.40 -1.73
CA LEU D 28 20.06 17.32 -1.89
C LEU D 28 20.16 18.29 -0.72
N TYR D 29 19.01 18.75 -0.25
CA TYR D 29 19.01 19.61 0.92
C TYR D 29 19.55 18.81 2.10
N ALA D 30 19.10 17.56 2.22
CA ALA D 30 19.54 16.72 3.30
C ALA D 30 21.04 16.57 3.22
N GLN D 31 21.55 16.37 2.01
CA GLN D 31 22.98 16.15 1.82
C GLN D 31 23.76 17.39 2.18
N LYS D 32 23.18 18.56 1.92
CA LYS D 32 23.92 19.78 2.17
C LYS D 32 24.08 19.99 3.65
N LEU D 33 23.08 19.62 4.44
CA LEU D 33 23.19 19.81 5.87
C LEU D 33 24.20 18.80 6.42
N LYS D 34 24.16 17.61 5.84
CA LYS D 34 24.99 16.51 6.31
C LYS D 34 26.42 16.86 6.00
N TYR D 35 26.66 17.57 4.91
CA TYR D 35 28.02 17.97 4.60
C TYR D 35 28.47 19.12 5.47
N LYS D 36 27.54 20.02 5.81
CA LYS D 36 27.91 21.14 6.63
C LYS D 36 28.33 20.60 8.00
N ALA D 37 27.59 19.61 8.49
CA ALA D 37 27.81 19.08 9.83
C ALA D 37 29.12 18.31 9.96
N ILE D 38 29.38 17.49 8.96
CA ILE D 38 30.59 16.67 8.96
C ILE D 38 31.77 17.57 8.70
N SER D 39 31.57 18.64 7.95
CA SER D 39 32.62 19.60 7.69
C SER D 39 33.03 20.24 9.01
N GLU D 40 32.05 20.64 9.81
CA GLU D 40 32.31 21.22 11.13
C GLU D 40 32.98 20.18 12.04
N GLU D 41 32.54 18.92 11.96
CA GLU D 41 33.09 17.88 12.80
C GLU D 41 34.55 17.57 12.46
N LEU D 42 34.91 17.55 11.18
CA LEU D 42 36.32 17.54 10.80
C LEU D 42 37.05 18.70 11.45
N ASP D 43 36.45 19.88 11.42
CA ASP D 43 37.14 21.07 11.87
C ASP D 43 37.55 20.94 13.33
N HIS D 44 36.64 20.46 14.17
CA HIS D 44 36.92 20.27 15.58
C HIS D 44 37.98 19.21 15.83
N ALA D 45 37.87 18.05 15.19
CA ALA D 45 38.83 16.98 15.42
C ALA D 45 40.21 17.43 14.98
N LEU D 46 40.28 18.23 13.94
CA LEU D 46 41.56 18.70 13.46
C LEU D 46 42.13 19.75 14.41
N ASN D 47 41.28 20.34 15.25
CA ASN D 47 41.74 21.34 16.20
C ASN D 47 41.50 20.92 17.65
N ASP D 48 41.29 19.61 17.83
CA ASP D 48 41.27 18.97 19.15
C ASP D 48 42.64 18.31 19.41
N MET D 49 43.46 18.26 18.36
CA MET D 49 44.90 17.99 18.47
C MET D 49 45.71 19.31 18.35
N GLY E 1 -7.95 -35.08 13.96
CA GLY E 1 -8.10 -35.00 12.48
C GLY E 1 -7.71 -33.63 11.95
N GLU E 2 -8.23 -33.25 10.79
CA GLU E 2 -7.90 -31.97 10.21
C GLU E 2 -8.52 -30.86 11.04
N LEU E 3 -9.62 -31.19 11.69
CA LEU E 3 -10.43 -30.16 12.28
C LEU E 3 -9.75 -29.79 13.58
N LEU E 4 -9.25 -30.81 14.29
CA LEU E 4 -8.54 -30.56 15.52
C LEU E 4 -7.21 -29.85 15.23
N SER E 5 -6.48 -30.28 14.21
CA SER E 5 -5.22 -29.61 13.87
C SER E 5 -5.43 -28.18 13.41
N LYS E 6 -6.52 -27.95 12.70
CA LYS E 6 -6.86 -26.64 12.22
C LYS E 6 -7.12 -25.76 13.43
N ASN E 7 -7.83 -26.28 14.43
CA ASN E 7 -8.07 -25.51 15.64
C ASN E 7 -6.79 -25.18 16.37
N TYR E 8 -5.86 -26.13 16.43
CA TYR E 8 -4.61 -25.93 17.13
C TYR E 8 -3.85 -24.75 16.52
N HIS E 9 -3.75 -24.69 15.20
CA HIS E 9 -3.04 -23.58 14.58
C HIS E 9 -3.82 -22.28 14.72
N LEU E 10 -5.14 -22.37 14.67
CA LEU E 10 -5.96 -21.20 14.90
C LEU E 10 -5.73 -20.62 16.29
N GLU E 11 -5.77 -21.48 17.31
CA GLU E 11 -5.54 -20.99 18.66
C GLU E 11 -4.20 -20.30 18.80
N ASN E 12 -3.20 -20.81 18.07
CA ASN E 12 -1.89 -20.20 18.11
C ASN E 12 -1.92 -18.83 17.47
N GLU E 13 -2.53 -18.72 16.28
CA GLU E 13 -2.69 -17.45 15.59
C GLU E 13 -3.31 -16.42 16.51
N VAL E 14 -4.40 -16.76 17.17
CA VAL E 14 -5.04 -15.82 18.06
C VAL E 14 -4.06 -15.24 19.07
N ALA E 15 -3.30 -16.14 19.69
CA ALA E 15 -2.35 -15.77 20.72
C ALA E 15 -1.33 -14.82 20.13
N ARG E 16 -0.82 -15.17 18.97
CA ARG E 16 0.21 -14.38 18.35
C ARG E 16 -0.38 -13.02 18.06
N LEU E 17 -1.54 -12.98 17.44
CA LEU E 17 -2.04 -11.69 17.05
C LEU E 17 -2.40 -10.81 18.23
N LYS E 18 -3.01 -11.39 19.27
CA LYS E 18 -3.29 -10.65 20.49
C LYS E 18 -2.04 -9.93 21.00
N LYS E 19 -0.94 -10.66 21.02
CA LYS E 19 0.32 -10.10 21.49
C LYS E 19 0.81 -9.02 20.53
N LEU E 20 0.69 -9.29 19.23
CA LEU E 20 1.12 -8.35 18.22
C LEU E 20 0.37 -7.05 18.32
N VAL E 21 -0.90 -7.14 18.68
CA VAL E 21 -1.71 -5.94 18.84
C VAL E 21 -1.20 -5.11 20.00
N ASP E 22 -1.04 -5.74 21.16
CA ASP E 22 -0.64 -5.03 22.36
C ASP E 22 0.71 -4.40 22.08
N ASP E 23 1.56 -5.12 21.37
CA ASP E 23 2.88 -4.63 21.08
C ASP E 23 2.90 -3.45 20.11
N LEU E 24 2.11 -3.49 19.05
CA LEU E 24 2.02 -2.37 18.13
C LEU E 24 1.37 -1.16 18.77
N GLU E 25 0.42 -1.35 19.68
CA GLU E 25 -0.12 -0.20 20.42
C GLU E 25 0.97 0.53 21.23
N ASP E 26 1.76 -0.22 21.99
CA ASP E 26 2.89 0.33 22.72
C ASP E 26 3.81 1.08 21.78
N GLU E 27 4.13 0.45 20.65
CA GLU E 27 5.10 1.02 19.73
C GLU E 27 4.59 2.36 19.21
N LEU E 28 3.28 2.38 18.99
CA LEU E 28 2.62 3.57 18.46
C LEU E 28 2.75 4.66 19.50
N TYR E 29 2.52 4.30 20.76
CA TYR E 29 2.57 5.23 21.88
C TYR E 29 3.96 5.82 21.94
N ALA E 30 4.96 4.95 21.82
CA ALA E 30 6.34 5.42 21.77
C ALA E 30 6.56 6.37 20.61
N GLN E 31 6.09 5.99 19.43
CA GLN E 31 6.25 6.87 18.29
C GLN E 31 5.53 8.20 18.45
N LYS E 32 4.44 8.21 19.18
CA LYS E 32 3.75 9.49 19.38
C LYS E 32 4.50 10.40 20.34
N LEU E 33 5.18 9.81 21.32
CA LEU E 33 6.06 10.57 22.19
C LEU E 33 7.17 11.23 21.37
N LYS E 34 7.82 10.44 20.53
CA LYS E 34 8.92 10.95 19.73
C LYS E 34 8.39 12.10 18.90
N TYR E 35 7.17 11.97 18.38
CA TYR E 35 6.67 13.06 17.56
C TYR E 35 6.42 14.31 18.37
N LYS E 36 5.80 14.16 19.54
CA LYS E 36 5.51 15.29 20.42
C LYS E 36 6.79 16.04 20.83
N ALA E 37 7.87 15.31 21.08
CA ALA E 37 9.11 15.98 21.44
C ALA E 37 9.63 16.80 20.26
N ILE E 38 9.62 16.24 19.06
CA ILE E 38 10.19 17.00 17.98
C ILE E 38 9.22 18.09 17.56
N SER E 39 7.92 17.85 17.63
CA SER E 39 6.96 18.92 17.33
C SER E 39 7.13 20.12 18.27
N GLU E 40 7.64 19.86 19.46
CA GLU E 40 7.87 20.89 20.45
C GLU E 40 9.16 21.60 20.07
N GLU E 41 10.09 20.82 19.54
CA GLU E 41 11.36 21.36 19.13
C GLU E 41 11.16 22.25 17.92
N LEU E 42 10.17 21.95 17.09
CA LEU E 42 9.91 22.77 15.91
C LEU E 42 9.27 24.08 16.33
N ASP E 43 8.56 24.09 17.45
CA ASP E 43 7.95 25.33 17.92
C ASP E 43 8.99 26.41 18.24
N HIS E 44 10.02 26.04 18.99
CA HIS E 44 11.03 27.00 19.40
C HIS E 44 11.76 27.48 18.16
N ALA E 45 12.22 26.56 17.32
CA ALA E 45 12.99 26.94 16.15
C ALA E 45 12.19 27.84 15.23
N LEU E 46 10.87 27.69 15.28
CA LEU E 46 9.99 28.47 14.45
C LEU E 46 9.79 29.87 15.02
N ASN E 47 10.48 30.16 16.12
CA ASN E 47 10.48 31.49 16.71
C ASN E 47 11.77 32.31 16.64
N ASP E 48 12.88 31.65 16.33
CA ASP E 48 14.15 32.33 16.06
C ASP E 48 14.17 32.88 14.64
N MET E 49 12.99 33.06 14.07
CA MET E 49 12.82 33.67 12.74
C MET E 49 11.44 34.37 12.73
N GLY F 1 -20.99 -30.09 15.16
CA GLY F 1 -21.39 -29.75 16.54
C GLY F 1 -20.29 -28.90 17.16
N GLU F 2 -19.98 -29.16 18.42
CA GLU F 2 -19.16 -28.22 19.16
C GLU F 2 -17.81 -27.91 18.49
N LEU F 3 -17.16 -28.91 17.90
CA LEU F 3 -15.83 -28.68 17.35
C LEU F 3 -15.97 -27.79 16.14
N LEU F 4 -16.84 -28.13 15.18
CA LEU F 4 -17.17 -27.27 14.05
C LEU F 4 -17.45 -25.83 14.45
N SER F 5 -18.20 -25.62 15.51
CA SER F 5 -18.59 -24.26 15.85
C SER F 5 -17.39 -23.54 16.43
N LYS F 6 -16.66 -24.21 17.30
CA LYS F 6 -15.49 -23.63 17.90
C LYS F 6 -14.52 -23.22 16.81
N ASN F 7 -14.38 -24.07 15.81
CA ASN F 7 -13.54 -23.79 14.66
C ASN F 7 -13.97 -22.50 13.97
N TYR F 8 -15.27 -22.27 13.86
CA TYR F 8 -15.80 -21.07 13.26
C TYR F 8 -15.46 -19.85 14.12
N HIS F 9 -15.79 -19.91 15.41
CA HIS F 9 -15.48 -18.79 16.28
C HIS F 9 -14.01 -18.45 16.14
N LEU F 10 -13.15 -19.46 16.02
CA LEU F 10 -11.74 -19.16 15.97
C LEU F 10 -11.36 -18.46 14.67
N GLU F 11 -11.98 -18.84 13.56
CA GLU F 11 -11.69 -18.17 12.31
C GLU F 11 -12.13 -16.71 12.39
N ASN F 12 -13.24 -16.42 13.03
CA ASN F 12 -13.69 -15.03 13.06
C ASN F 12 -12.80 -14.21 13.97
N GLU F 13 -12.43 -14.77 15.10
CA GLU F 13 -11.46 -14.13 15.96
C GLU F 13 -10.12 -13.85 15.27
N VAL F 14 -9.60 -14.78 14.49
CA VAL F 14 -8.40 -14.44 13.73
C VAL F 14 -8.64 -13.29 12.75
N ALA F 15 -9.80 -13.27 12.11
CA ALA F 15 -10.02 -12.22 11.13
C ALA F 15 -10.14 -10.86 11.82
N ARG F 16 -10.91 -10.81 12.89
CA ARG F 16 -11.03 -9.60 13.68
C ARG F 16 -9.64 -9.12 14.08
N LEU F 17 -8.85 -10.02 14.66
CA LEU F 17 -7.55 -9.65 15.12
C LEU F 17 -6.67 -9.21 13.97
N LYS F 18 -6.75 -9.87 12.82
CA LYS F 18 -5.93 -9.39 11.70
C LYS F 18 -6.26 -7.96 11.27
N LYS F 19 -7.52 -7.56 11.41
CA LYS F 19 -7.93 -6.20 11.06
C LYS F 19 -7.29 -5.25 12.04
N LEU F 20 -7.34 -5.56 13.33
CA LEU F 20 -6.81 -4.65 14.32
C LEU F 20 -5.32 -4.46 14.02
N VAL F 21 -4.64 -5.56 13.68
CA VAL F 21 -3.23 -5.43 13.39
C VAL F 21 -3.01 -4.59 12.16
N ASP F 22 -3.80 -4.86 11.13
CA ASP F 22 -3.57 -4.19 9.86
C ASP F 22 -3.79 -2.69 10.03
N ASP F 23 -4.78 -2.33 10.84
CA ASP F 23 -5.11 -0.94 11.08
C ASP F 23 -3.92 -0.30 11.80
N LEU F 24 -3.35 -1.02 12.76
CA LEU F 24 -2.22 -0.53 13.53
C LEU F 24 -0.97 -0.44 12.66
N GLU F 25 -0.78 -1.38 11.74
CA GLU F 25 0.42 -1.31 10.91
C GLU F 25 0.32 -0.09 9.98
N ASP F 26 -0.91 0.30 9.64
CA ASP F 26 -1.14 1.49 8.85
C ASP F 26 -0.88 2.76 9.64
N GLU F 27 -1.48 2.84 10.83
CA GLU F 27 -1.26 3.98 11.69
C GLU F 27 0.23 4.20 11.84
N LEU F 28 0.97 3.13 12.10
CA LEU F 28 2.39 3.29 12.34
C LEU F 28 3.05 3.86 11.11
N TYR F 29 2.64 3.44 9.93
CA TYR F 29 3.31 3.93 8.73
C TYR F 29 2.97 5.39 8.46
N ALA F 30 1.75 5.76 8.82
CA ALA F 30 1.30 7.14 8.66
C ALA F 30 2.12 8.02 9.58
N GLN F 31 2.29 7.55 10.81
CA GLN F 31 2.99 8.30 11.84
C GLN F 31 4.44 8.40 11.41
N LYS F 32 4.93 7.35 10.78
CA LYS F 32 6.30 7.35 10.31
C LYS F 32 6.46 8.48 9.30
N LEU F 33 5.45 8.72 8.48
CA LEU F 33 5.61 9.78 7.48
C LEU F 33 5.46 11.17 8.07
N LYS F 34 4.62 11.30 9.10
CA LYS F 34 4.42 12.59 9.76
C LYS F 34 5.74 12.99 10.37
N TYR F 35 6.40 12.04 11.03
CA TYR F 35 7.67 12.33 11.63
C TYR F 35 8.67 12.76 10.56
N LYS F 36 8.71 12.04 9.46
CA LYS F 36 9.71 12.36 8.44
C LYS F 36 9.52 13.79 7.94
N ALA F 37 8.26 14.19 7.88
CA ALA F 37 7.90 15.48 7.32
C ALA F 37 8.21 16.62 8.29
N ILE F 38 7.77 16.46 9.53
CA ILE F 38 8.02 17.48 10.50
C ILE F 38 9.50 17.56 10.80
N SER F 39 10.22 16.44 10.74
CA SER F 39 11.66 16.51 10.92
C SER F 39 12.29 17.35 9.82
N GLU F 40 11.80 17.13 8.61
CA GLU F 40 12.15 17.97 7.46
C GLU F 40 11.83 19.45 7.71
N GLU F 41 10.64 19.76 8.22
CA GLU F 41 10.34 21.15 8.53
C GLU F 41 11.41 21.69 9.47
N LEU F 42 11.58 20.99 10.58
CA LEU F 42 12.59 21.36 11.55
C LEU F 42 13.95 21.66 10.91
N ASP F 43 14.36 20.87 9.93
CA ASP F 43 15.63 21.11 9.27
C ASP F 43 15.63 22.44 8.54
N HIS F 44 14.53 22.77 7.85
CA HIS F 44 14.41 24.06 7.16
C HIS F 44 14.32 25.20 8.15
N ALA F 45 13.45 25.10 9.16
CA ALA F 45 13.39 26.14 10.21
C ALA F 45 14.73 26.44 10.86
N LEU F 46 15.56 25.42 11.06
CA LEU F 46 16.83 25.67 11.71
C LEU F 46 17.93 26.19 10.80
N ASN F 47 17.85 25.95 9.50
CA ASN F 47 18.95 26.22 8.60
C ASN F 47 18.68 27.27 7.53
N ASP F 48 17.42 27.50 7.19
CA ASP F 48 17.07 28.50 6.18
C ASP F 48 16.93 29.89 6.81
N MET F 49 17.58 30.10 7.95
CA MET F 49 17.71 31.44 8.50
C MET F 49 18.27 32.40 7.43
N THR F 50 18.83 31.83 6.37
CA THR F 50 19.12 32.57 5.13
C THR F 50 17.91 33.46 4.82
N SER F 51 16.73 32.97 5.25
CA SER F 51 15.46 33.70 5.23
C SER F 51 14.88 33.83 6.64
N GLY G 1 -11.42 39.30 -6.66
CA GLY G 1 -12.52 38.32 -6.45
C GLY G 1 -12.07 36.94 -6.00
N GLU G 2 -12.07 36.70 -4.68
CA GLU G 2 -11.68 35.38 -4.18
C GLU G 2 -12.44 34.84 -2.97
N LEU G 3 -11.87 35.06 -1.78
CA LEU G 3 -11.98 34.07 -0.70
C LEU G 3 -13.36 33.91 -0.09
N LEU G 4 -14.02 35.04 0.17
CA LEU G 4 -15.34 35.01 0.78
C LEU G 4 -16.29 34.18 -0.06
N SER G 5 -16.18 34.27 -1.39
CA SER G 5 -17.04 33.49 -2.27
C SER G 5 -16.68 32.02 -2.27
N LYS G 6 -15.38 31.73 -2.30
CA LYS G 6 -14.95 30.35 -2.38
C LYS G 6 -15.35 29.65 -1.09
N ASN G 7 -15.18 30.37 0.01
CA ASN G 7 -15.56 29.84 1.31
C ASN G 7 -17.04 29.52 1.37
N TYR G 8 -17.87 30.40 0.81
CA TYR G 8 -19.31 30.20 0.89
C TYR G 8 -19.62 28.85 0.26
N HIS G 9 -18.95 28.56 -0.85
CA HIS G 9 -19.15 27.32 -1.58
C HIS G 9 -18.59 26.12 -0.82
N LEU G 10 -17.35 26.27 -0.35
CA LEU G 10 -16.66 25.21 0.38
C LEU G 10 -17.48 24.79 1.58
N GLU G 11 -18.01 25.76 2.30
CA GLU G 11 -18.76 25.47 3.50
C GLU G 11 -19.96 24.63 3.12
N ASN G 12 -20.61 24.98 2.02
CA ASN G 12 -21.79 24.23 1.63
C ASN G 12 -21.40 22.79 1.31
N GLU G 13 -20.16 22.61 0.84
CA GLU G 13 -19.71 21.32 0.36
C GLU G 13 -19.44 20.48 1.59
N VAL G 14 -18.86 21.11 2.59
CA VAL G 14 -18.48 20.35 3.77
C VAL G 14 -19.76 19.81 4.39
N ALA G 15 -20.78 20.65 4.43
CA ALA G 15 -21.99 20.22 5.11
C ALA G 15 -22.56 19.05 4.33
N ARG G 16 -22.48 19.12 3.00
CA ARG G 16 -23.08 18.11 2.16
C ARG G 16 -22.31 16.83 2.44
N LEU G 17 -21.00 16.95 2.51
CA LEU G 17 -20.13 15.82 2.76
C LEU G 17 -20.37 15.20 4.15
N LYS G 18 -20.53 16.02 5.18
CA LYS G 18 -20.68 15.50 6.53
C LYS G 18 -21.91 14.63 6.67
N LYS G 19 -22.99 15.05 6.02
CA LYS G 19 -24.24 14.32 6.08
C LYS G 19 -24.10 13.03 5.28
N LEU G 20 -23.27 13.08 4.23
CA LEU G 20 -23.00 11.89 3.42
C LEU G 20 -22.21 10.86 4.24
N VAL G 21 -21.18 11.35 4.91
CA VAL G 21 -20.39 10.50 5.73
C VAL G 21 -21.30 9.86 6.75
N ASP G 22 -22.20 10.63 7.34
CA ASP G 22 -23.10 10.03 8.31
C ASP G 22 -23.99 8.98 7.69
N ASP G 23 -24.55 9.31 6.55
CA ASP G 23 -25.51 8.38 5.96
C ASP G 23 -24.82 7.07 5.62
N LEU G 24 -23.58 7.16 5.17
CA LEU G 24 -22.82 5.96 4.84
C LEU G 24 -22.48 5.17 6.10
N GLU G 25 -22.05 5.85 7.15
CA GLU G 25 -21.62 5.20 8.38
C GLU G 25 -22.79 4.40 8.94
N ASP G 26 -23.99 4.93 8.72
CA ASP G 26 -25.21 4.30 9.15
C ASP G 26 -25.56 3.08 8.30
N GLU G 27 -25.43 3.21 6.99
CA GLU G 27 -25.62 2.09 6.07
C GLU G 27 -24.69 0.97 6.51
N LEU G 28 -23.43 1.30 6.77
CA LEU G 28 -22.45 0.31 7.16
C LEU G 28 -22.90 -0.44 8.41
N TYR G 29 -23.20 0.32 9.47
CA TYR G 29 -23.65 -0.26 10.73
C TYR G 29 -24.90 -1.13 10.53
N ALA G 30 -25.82 -0.67 9.68
CA ALA G 30 -26.98 -1.48 9.36
C ALA G 30 -26.55 -2.81 8.76
N GLN G 31 -25.69 -2.73 7.74
CA GLN G 31 -25.20 -3.91 7.04
C GLN G 31 -24.43 -4.83 7.97
N LYS G 32 -23.56 -4.25 8.79
CA LYS G 32 -22.83 -5.07 9.73
C LYS G 32 -23.78 -5.86 10.65
N LEU G 33 -24.88 -5.25 11.05
CA LEU G 33 -25.86 -5.93 11.89
C LEU G 33 -26.49 -7.09 11.14
N LYS G 34 -26.81 -6.85 9.87
CA LYS G 34 -27.41 -7.89 9.05
C LYS G 34 -26.43 -9.06 8.95
N TYR G 35 -25.13 -8.78 9.03
CA TYR G 35 -24.15 -9.83 8.90
C TYR G 35 -24.06 -10.67 10.19
N LYS G 36 -23.94 -9.99 11.32
CA LYS G 36 -23.94 -10.65 12.62
C LYS G 36 -25.10 -11.66 12.76
N ALA G 37 -26.29 -11.27 12.31
CA ALA G 37 -27.44 -12.15 12.41
C ALA G 37 -27.22 -13.38 11.56
N ILE G 38 -26.76 -13.19 10.33
CA ILE G 38 -26.71 -14.32 9.42
C ILE G 38 -25.54 -15.21 9.81
N SER G 39 -24.56 -14.62 10.48
CA SER G 39 -23.37 -15.33 10.90
C SER G 39 -23.75 -16.25 12.06
N GLU G 40 -24.64 -15.77 12.92
CA GLU G 40 -25.12 -16.56 14.04
C GLU G 40 -25.92 -17.75 13.53
N GLU G 41 -26.79 -17.52 12.55
CA GLU G 41 -27.48 -18.63 11.90
C GLU G 41 -26.50 -19.69 11.42
N LEU G 42 -25.38 -19.28 10.83
CA LEU G 42 -24.41 -20.24 10.36
C LEU G 42 -23.86 -20.98 11.56
N ASP G 43 -23.61 -20.26 12.65
CA ASP G 43 -22.95 -20.90 13.81
C ASP G 43 -23.88 -21.99 14.35
N HIS G 44 -25.17 -21.68 14.41
CA HIS G 44 -26.15 -22.64 14.86
C HIS G 44 -26.19 -23.81 13.89
N ALA G 45 -26.06 -23.55 12.60
CA ALA G 45 -26.07 -24.66 11.66
C ALA G 45 -24.84 -25.56 11.88
N LEU G 46 -23.69 -24.97 12.19
CA LEU G 46 -22.52 -25.79 12.39
C LEU G 46 -22.62 -26.58 13.67
N ASN G 47 -23.22 -25.95 14.67
CA ASN G 47 -23.31 -26.53 15.99
C ASN G 47 -24.37 -27.62 16.01
N ASP G 48 -25.34 -27.54 15.11
CA ASP G 48 -26.48 -28.46 15.15
C ASP G 48 -26.26 -29.60 14.19
N MET G 49 -25.21 -29.49 13.38
CA MET G 49 -24.87 -30.55 12.42
C MET G 49 -24.40 -31.75 13.21
N THR G 50 -24.94 -32.93 12.92
CA THR G 50 -24.72 -34.05 13.83
C THR G 50 -24.70 -35.44 13.18
N SER G 51 -25.81 -36.15 13.36
CA SER G 51 -25.83 -37.61 13.31
C SER G 51 -26.30 -38.12 11.95
N ILE G 52 -25.35 -38.66 11.20
CA ILE G 52 -25.61 -39.29 9.89
C ILE G 52 -26.28 -38.30 8.93
N GLY H 1 -3.26 35.71 6.25
CA GLY H 1 -4.67 36.17 6.45
C GLY H 1 -5.54 35.22 7.27
N GLU H 2 -6.47 35.77 8.04
CA GLU H 2 -7.43 34.96 8.81
C GLU H 2 -8.42 34.34 7.83
N LEU H 3 -8.69 35.07 6.74
CA LEU H 3 -9.61 34.61 5.72
C LEU H 3 -8.94 33.53 4.91
N LEU H 4 -7.64 33.69 4.64
CA LEU H 4 -6.84 32.69 3.96
C LEU H 4 -6.81 31.39 4.75
N SER H 5 -6.58 31.49 6.06
CA SER H 5 -6.56 30.35 6.95
C SER H 5 -7.84 29.52 6.86
N LYS H 6 -8.96 30.22 6.92
CA LYS H 6 -10.24 29.57 6.89
C LYS H 6 -10.42 28.85 5.57
N ASN H 7 -9.91 29.44 4.49
CA ASN H 7 -10.03 28.83 3.19
C ASN H 7 -9.18 27.58 3.12
N TYR H 8 -7.98 27.66 3.69
CA TYR H 8 -7.07 26.52 3.77
C TYR H 8 -7.67 25.37 4.60
N HIS H 9 -8.30 25.71 5.70
CA HIS H 9 -8.89 24.67 6.52
C HIS H 9 -10.06 24.05 5.77
N LEU H 10 -10.92 24.87 5.17
CA LEU H 10 -12.10 24.37 4.47
C LEU H 10 -11.72 23.47 3.31
N GLU H 11 -10.68 23.87 2.57
CA GLU H 11 -10.18 23.02 1.51
C GLU H 11 -9.73 21.70 2.08
N ASN H 12 -8.94 21.75 3.14
CA ASN H 12 -8.45 20.51 3.77
C ASN H 12 -9.59 19.64 4.29
N GLU H 13 -10.62 20.24 4.86
CA GLU H 13 -11.77 19.47 5.30
C GLU H 13 -12.43 18.77 4.12
N VAL H 14 -12.53 19.45 3.01
CA VAL H 14 -13.11 18.81 1.84
C VAL H 14 -12.28 17.61 1.42
N ALA H 15 -10.97 17.78 1.26
CA ALA H 15 -10.13 16.66 0.83
C ALA H 15 -10.29 15.47 1.76
N ARG H 16 -10.30 15.74 3.06
CA ARG H 16 -10.44 14.73 4.09
C ARG H 16 -11.77 14.01 3.95
N LEU H 17 -12.85 14.77 3.94
CA LEU H 17 -14.15 14.14 3.93
C LEU H 17 -14.38 13.38 2.65
N LYS H 18 -13.70 13.75 1.57
CA LYS H 18 -13.94 13.06 0.32
C LYS H 18 -13.25 11.71 0.40
N LYS H 19 -12.03 11.74 0.91
CA LYS H 19 -11.24 10.54 1.08
C LYS H 19 -12.04 9.56 1.96
N LEU H 20 -12.67 10.09 3.00
CA LEU H 20 -13.53 9.26 3.84
C LEU H 20 -14.69 8.64 3.05
N VAL H 21 -15.42 9.48 2.33
CA VAL H 21 -16.49 8.98 1.47
C VAL H 21 -16.07 7.81 0.60
N ASP H 22 -14.87 7.89 0.04
CA ASP H 22 -14.48 6.81 -0.84
C ASP H 22 -14.24 5.53 -0.06
N ASP H 23 -13.60 5.70 1.09
CA ASP H 23 -13.25 4.56 1.93
C ASP H 23 -14.53 3.86 2.37
N LEU H 24 -15.55 4.65 2.75
CA LEU H 24 -16.78 4.05 3.24
C LEU H 24 -17.48 3.39 2.08
N GLU H 25 -17.31 3.93 0.89
CA GLU H 25 -18.00 3.29 -0.20
C GLU H 25 -17.31 2.00 -0.56
N ASP H 26 -16.03 1.94 -0.23
CA ASP H 26 -15.19 0.78 -0.47
C ASP H 26 -15.53 -0.32 0.52
N GLU H 27 -15.70 0.06 1.77
CA GLU H 27 -16.14 -0.87 2.80
C GLU H 27 -17.53 -1.40 2.48
N LEU H 28 -18.43 -0.50 2.08
CA LEU H 28 -19.77 -0.95 1.75
C LEU H 28 -19.77 -1.99 0.65
N TYR H 29 -18.98 -1.75 -0.40
CA TYR H 29 -18.89 -2.75 -1.44
C TYR H 29 -18.27 -4.03 -0.92
N ALA H 30 -17.24 -3.93 -0.10
CA ALA H 30 -16.64 -5.14 0.43
C ALA H 30 -17.63 -5.88 1.30
N GLN H 31 -18.40 -5.12 2.09
CA GLN H 31 -19.40 -5.77 2.94
C GLN H 31 -20.43 -6.54 2.15
N LYS H 32 -20.76 -6.05 0.96
CA LYS H 32 -21.83 -6.67 0.20
C LYS H 32 -21.37 -8.02 -0.31
N LEU H 33 -20.10 -8.10 -0.74
CA LEU H 33 -19.56 -9.34 -1.28
C LEU H 33 -19.45 -10.35 -0.14
N LYS H 34 -19.06 -9.85 1.03
CA LYS H 34 -18.85 -10.67 2.19
C LYS H 34 -20.19 -11.24 2.59
N TYR H 35 -21.22 -10.42 2.53
CA TYR H 35 -22.54 -10.89 2.94
C TYR H 35 -23.06 -11.88 1.95
N LYS H 36 -22.77 -11.65 0.67
CA LYS H 36 -23.23 -12.49 -0.41
C LYS H 36 -22.60 -13.87 -0.20
N ALA H 37 -21.35 -13.86 0.26
CA ALA H 37 -20.57 -15.08 0.43
C ALA H 37 -20.99 -15.92 1.64
N ILE H 38 -21.27 -15.25 2.74
CA ILE H 38 -21.68 -15.95 3.94
C ILE H 38 -23.09 -16.46 3.75
N SER H 39 -23.91 -15.75 3.00
CA SER H 39 -25.26 -16.18 2.78
C SER H 39 -25.22 -17.47 1.96
N GLU H 40 -24.34 -17.51 0.97
CA GLU H 40 -24.17 -18.67 0.13
C GLU H 40 -23.63 -19.84 0.96
N GLU H 41 -22.72 -19.54 1.87
CA GLU H 41 -22.15 -20.55 2.74
C GLU H 41 -23.17 -21.14 3.70
N LEU H 42 -24.03 -20.30 4.25
CA LEU H 42 -25.10 -20.76 5.12
C LEU H 42 -26.03 -21.67 4.33
N ASP H 43 -26.27 -21.31 3.08
CA ASP H 43 -27.17 -22.11 2.28
C ASP H 43 -26.64 -23.55 2.17
N HIS H 44 -25.34 -23.69 1.94
CA HIS H 44 -24.77 -25.02 1.77
C HIS H 44 -24.86 -25.83 3.06
N ALA H 45 -24.41 -25.23 4.16
CA ALA H 45 -24.44 -25.91 5.43
C ALA H 45 -25.85 -26.33 5.80
N LEU H 46 -26.83 -25.54 5.40
CA LEU H 46 -28.19 -25.84 5.77
C LEU H 46 -28.75 -26.96 4.89
N ASN H 47 -28.21 -27.08 3.69
CA ASN H 47 -28.61 -28.15 2.76
C ASN H 47 -27.53 -29.21 2.62
N ASP H 48 -26.67 -29.32 3.64
CA ASP H 48 -25.71 -30.42 3.74
C ASP H 48 -26.14 -31.32 4.89
N MET H 49 -27.13 -30.88 5.66
CA MET H 49 -27.74 -31.70 6.70
C MET H 49 -29.20 -32.02 6.41
N GLY I 1 -3.07 -9.44 3.59
CA GLY I 1 -4.05 -10.23 2.77
C GLY I 1 -5.43 -9.63 2.62
N ALA I 2 -6.04 -9.78 1.45
CA ALA I 2 -7.34 -9.15 1.18
C ALA I 2 -8.30 -9.90 0.24
N ALA I 3 -9.57 -9.97 0.64
CA ALA I 3 -10.72 -10.36 -0.20
C ALA I 3 -11.01 -11.86 -0.43
N SER I 4 -11.42 -12.20 -1.66
CA SER I 4 -11.80 -13.55 -2.12
C SER I 4 -10.86 -14.10 -3.21
N MET I 5 -10.42 -15.36 -3.09
CA MET I 5 -9.45 -15.98 -4.02
C MET I 5 -9.99 -17.06 -4.96
N ASP I 6 -10.89 -17.90 -4.43
CA ASP I 6 -11.46 -19.01 -5.18
C ASP I 6 -12.96 -18.75 -5.33
N ALA I 7 -13.48 -17.82 -4.52
CA ALA I 7 -14.81 -17.24 -4.73
C ALA I 7 -14.72 -16.44 -6.03
N ILE I 8 -13.48 -16.35 -6.50
CA ILE I 8 -13.08 -15.92 -7.84
C ILE I 8 -13.48 -16.98 -8.87
N LYS I 9 -13.08 -18.22 -8.64
CA LYS I 9 -13.50 -19.29 -9.54
C LYS I 9 -15.01 -19.51 -9.49
N LYS I 10 -15.67 -19.02 -8.43
CA LYS I 10 -17.13 -19.04 -8.28
C LYS I 10 -17.93 -18.10 -9.18
N LYS I 11 -17.43 -16.88 -9.40
CA LYS I 11 -18.03 -15.96 -10.36
C LYS I 11 -17.17 -15.87 -11.63
N MET I 12 -16.51 -16.98 -11.96
CA MET I 12 -15.75 -17.15 -13.19
C MET I 12 -16.33 -18.24 -14.10
N GLN I 13 -16.92 -19.27 -13.49
CA GLN I 13 -17.81 -20.19 -14.21
C GLN I 13 -19.19 -19.56 -14.33
N MET I 14 -19.50 -18.64 -13.41
CA MET I 14 -20.75 -17.87 -13.46
C MET I 14 -20.63 -16.69 -14.44
N LEU I 15 -19.49 -16.61 -15.12
CA LEU I 15 -19.31 -15.71 -16.26
C LEU I 15 -19.15 -16.52 -17.55
N LYS I 16 -18.89 -17.82 -17.38
CA LYS I 16 -18.88 -18.78 -18.47
C LYS I 16 -20.26 -19.41 -18.63
N LEU I 17 -21.20 -18.97 -17.79
CA LEU I 17 -22.59 -19.39 -17.91
C LEU I 17 -23.47 -18.31 -18.55
N ASP I 18 -23.05 -17.05 -18.40
CA ASP I 18 -23.83 -15.89 -18.83
C ASP I 18 -23.18 -15.19 -20.01
N LYS I 19 -22.53 -16.03 -20.81
CA LYS I 19 -21.88 -15.67 -22.06
C LYS I 19 -21.85 -16.88 -23.01
N GLU I 20 -21.71 -18.09 -22.45
CA GLU I 20 -21.76 -19.30 -23.28
C GLU I 20 -23.22 -19.51 -23.69
N ASN I 21 -24.13 -19.17 -22.78
CA ASN I 21 -25.54 -19.01 -23.10
C ASN I 21 -25.83 -17.70 -23.85
N ALA I 22 -24.80 -16.95 -24.24
CA ALA I 22 -24.98 -15.80 -25.11
C ALA I 22 -25.04 -16.24 -26.57
N LEU I 23 -24.22 -17.23 -26.94
CA LEU I 23 -24.21 -17.72 -28.32
C LEU I 23 -25.03 -19.00 -28.59
N ASP I 24 -25.53 -19.66 -27.55
CA ASP I 24 -26.57 -20.70 -27.66
C ASP I 24 -27.92 -20.03 -27.90
N ARG I 25 -28.02 -18.82 -27.34
CA ARG I 25 -29.14 -17.93 -27.60
C ARG I 25 -28.83 -17.04 -28.81
N ALA I 26 -27.56 -16.92 -29.19
CA ALA I 26 -27.18 -16.39 -30.50
C ALA I 26 -27.06 -17.55 -31.52
N GLU I 27 -28.03 -18.45 -31.42
CA GLU I 27 -28.20 -19.60 -32.30
C GLU I 27 -29.67 -19.99 -32.52
N GLN I 28 -30.52 -19.86 -31.50
CA GLN I 28 -31.96 -20.11 -31.65
C GLN I 28 -32.57 -18.98 -32.46
N LEU I 29 -31.86 -17.86 -32.47
CA LEU I 29 -32.17 -16.73 -33.33
C LEU I 29 -31.82 -17.07 -34.79
N GLU I 30 -30.97 -18.08 -35.00
CA GLU I 30 -30.62 -18.56 -36.34
C GLU I 30 -31.60 -19.60 -36.88
N ASN I 31 -32.43 -20.14 -35.99
CA ASN I 31 -33.51 -21.07 -36.31
C ASN I 31 -34.55 -20.41 -37.21
N GLU I 32 -34.67 -19.09 -37.07
CA GLU I 32 -35.56 -18.29 -37.90
C GLU I 32 -34.79 -17.66 -39.07
N VAL I 33 -33.54 -18.07 -39.30
CA VAL I 33 -32.68 -17.47 -40.34
C VAL I 33 -32.06 -18.44 -41.36
N ALA I 34 -31.72 -19.65 -40.93
CA ALA I 34 -31.30 -20.71 -41.85
C ALA I 34 -32.48 -21.10 -42.73
N ARG I 35 -33.67 -20.98 -42.14
CA ARG I 35 -34.94 -21.28 -42.80
C ARG I 35 -35.75 -20.07 -43.28
N LEU I 36 -35.62 -18.90 -42.64
CA LEU I 36 -36.32 -17.69 -43.08
C LEU I 36 -35.72 -17.10 -44.35
N LYS I 37 -34.40 -17.22 -44.43
CA LYS I 37 -33.61 -16.95 -45.63
C LYS I 37 -33.94 -17.99 -46.70
N LYS I 38 -34.87 -18.90 -46.37
CA LYS I 38 -35.35 -19.88 -47.34
C LYS I 38 -36.73 -19.57 -47.95
N LEU I 39 -37.62 -18.91 -47.20
CA LEU I 39 -38.90 -18.48 -47.79
C LEU I 39 -38.86 -17.04 -48.33
N ILE J 9 -19.75 -19.88 -40.29
CA ILE J 9 -19.87 -21.21 -40.95
C ILE J 9 -18.50 -21.66 -41.46
N GLN J 10 -17.62 -20.69 -41.75
CA GLN J 10 -16.28 -20.96 -42.27
C GLN J 10 -15.26 -19.82 -42.13
N LYS J 11 -15.68 -18.57 -42.34
CA LYS J 11 -15.02 -17.39 -41.79
C LYS J 11 -15.60 -17.38 -40.39
N LYS J 12 -16.65 -18.17 -40.27
CA LYS J 12 -17.44 -18.37 -39.06
C LYS J 12 -16.89 -19.47 -38.16
N ARG J 13 -16.52 -20.65 -38.67
CA ARG J 13 -15.98 -21.69 -37.79
C ARG J 13 -14.72 -21.15 -37.10
N GLN J 14 -14.75 -19.82 -36.93
CA GLN J 14 -13.86 -19.02 -36.09
C GLN J 14 -14.77 -18.30 -35.11
N ASN J 15 -16.07 -18.26 -35.44
CA ASN J 15 -17.13 -17.96 -34.49
C ASN J 15 -16.95 -18.86 -33.27
N LYS J 16 -16.02 -19.81 -33.40
CA LYS J 16 -15.62 -20.70 -32.33
C LYS J 16 -14.17 -20.51 -31.88
N ASP J 17 -13.26 -20.25 -32.82
CA ASP J 17 -11.82 -20.08 -32.52
C ASP J 17 -11.45 -18.70 -31.99
N LEU J 18 -12.23 -17.68 -32.35
CA LEU J 18 -12.07 -16.32 -31.80
C LEU J 18 -12.67 -16.25 -30.39
N ILE J 19 -13.77 -16.98 -30.17
CA ILE J 19 -14.26 -17.21 -28.82
C ILE J 19 -13.41 -18.29 -28.11
N GLU J 20 -12.92 -19.30 -28.85
CA GLU J 20 -12.02 -20.36 -28.36
C GLU J 20 -10.62 -19.89 -27.93
N LEU J 21 -10.15 -18.83 -28.56
CA LEU J 21 -8.92 -18.12 -28.18
C LEU J 21 -9.24 -17.06 -27.13
N GLN J 22 -10.53 -16.77 -26.90
CA GLN J 22 -11.00 -16.03 -25.71
C GLN J 22 -11.39 -17.06 -24.66
N ALA J 23 -12.23 -18.02 -25.05
CA ALA J 23 -12.82 -19.02 -24.16
C ALA J 23 -11.73 -19.74 -23.37
N LEU J 24 -10.52 -19.76 -23.93
CA LEU J 24 -9.38 -20.18 -23.14
C LEU J 24 -8.05 -19.50 -23.52
N ILE J 25 -8.05 -18.20 -23.86
CA ILE J 25 -6.82 -17.42 -23.68
C ILE J 25 -6.83 -17.29 -22.17
N ASP J 26 -8.05 -17.06 -21.67
CA ASP J 26 -8.31 -17.09 -20.25
C ASP J 26 -8.20 -18.55 -19.78
N SER J 27 -6.97 -19.04 -19.97
CA SER J 27 -6.37 -20.25 -19.41
C SER J 27 -4.84 -20.13 -19.44
N HIS J 28 -4.38 -18.90 -19.65
CA HIS J 28 -3.00 -18.38 -19.70
C HIS J 28 -2.77 -17.92 -18.26
N PHE J 29 -3.88 -17.36 -17.76
CA PHE J 29 -4.20 -16.78 -16.46
C PHE J 29 -3.98 -17.56 -15.14
N GLU J 30 -4.27 -18.87 -15.10
CA GLU J 30 -4.30 -19.68 -13.85
C GLU J 30 -3.25 -20.78 -13.70
N ALA J 31 -2.76 -21.36 -14.79
CA ALA J 31 -1.69 -22.36 -14.68
C ALA J 31 -0.31 -21.74 -14.80
N ARG J 32 -0.32 -20.42 -15.01
CA ARG J 32 0.84 -19.57 -14.81
C ARG J 32 0.62 -18.75 -13.52
N ARG J 33 -0.59 -18.83 -12.97
CA ARG J 33 -0.86 -18.26 -11.65
C ARG J 33 -0.81 -19.32 -10.54
N LYS J 34 -0.67 -20.58 -10.93
CA LYS J 34 -0.38 -21.68 -10.02
C LYS J 34 1.12 -21.87 -9.94
N GLU J 35 1.82 -21.05 -10.73
CA GLU J 35 3.27 -21.01 -10.78
C GLU J 35 3.84 -20.04 -9.75
N GLU J 36 2.98 -19.18 -9.19
CA GLU J 36 3.37 -18.21 -8.18
C GLU J 36 2.67 -18.42 -6.84
N GLU J 37 2.22 -19.65 -6.62
CA GLU J 37 1.39 -20.03 -5.47
C GLU J 37 2.00 -21.22 -4.74
N GLU J 38 2.61 -22.11 -5.55
CA GLU J 38 3.39 -23.24 -5.08
C GLU J 38 4.86 -22.86 -5.04
N LEU J 39 5.23 -21.74 -5.67
CA LEU J 39 6.55 -21.13 -5.51
C LEU J 39 6.58 -20.49 -4.13
N VAL J 40 5.36 -20.18 -3.69
CA VAL J 40 5.03 -19.70 -2.36
C VAL J 40 5.10 -20.85 -1.33
N ALA J 41 4.66 -22.04 -1.72
CA ALA J 41 4.82 -23.21 -0.86
C ALA J 41 6.14 -23.89 -1.19
N LEU J 42 6.77 -23.42 -2.27
CA LEU J 42 7.92 -24.07 -2.88
C LEU J 42 7.94 -25.55 -2.47
#